data_3OOR
#
_entry.id   3OOR
#
_cell.length_a   131.701
_cell.length_b   50.538
_cell.length_c   62.931
_cell.angle_alpha   90.000
_cell.angle_beta   108.460
_cell.angle_gamma   90.000
#
_symmetry.space_group_name_H-M   'C 1 2 1'
#
loop_
_entity.id
_entity.type
_entity.pdbx_description
1 polymer 'Intron encoded endonuclease I-SceI'
2 polymer "5'-D(*CP*AP*CP*GP*CP*TP*AP*GP*GP*GP*AP*TP*AP*AP*CP*CP*GP*GP*GP*TP*AP*AP*TP*AP*C)-3'"
3 polymer "5'-D(*GP*GP*TP*AP*TP*TP*AP*CP*CP*CP*GP*GP*TP*TP*AP*TP*CP*CP*CP*TP*AP*GP*CP*GP*T)-3'"
4 non-polymer 'CALCIUM ION'
5 water water
#
loop_
_entity_poly.entity_id
_entity_poly.type
_entity_poly.pdbx_seq_one_letter_code
_entity_poly.pdbx_strand_id
1 'polypeptide(L)'
;MHMKNIKKNQVMNLGPNSKLLKEYKSQLIELNIEQFEAGIGLILGDAYIRSRDEGKTYCMQFEWKNKAYMDHVCLLYDQW
VLSPPHKRERVNHLGNLVITWTAQTFKHQAFNKLANLFIVNNKKTIPNNLVENYLTPMSLAYWFMDDGGKWDYNKNSTNK
SIVLNTQSFTFEEVEYLVKGLRNKFQLNCYVKINKNKPIIYIDSMSYLIFYNLIKPYLIPQMMYKLPNTISSETFLK
;
A
2 'polydeoxyribonucleotide'
;(DC)(DA)(DC)(DG)(DC)(DT)(DA)(DG)(DG)(DG)(DA)(DT)(DA)(DA)(DC)(DC)(DG)(DG)(DG)(DT)
(DA)(DA)(DT)(DA)(DC)
;
C
3 'polydeoxyribonucleotide'
;(DG)(DG)(DT)(DA)(DT)(DT)(DA)(DC)(DC)(DC)(DG)(DG)(DT)(DT)(DA)(DT)(DC)(DC)(DC)(DT)
(DA)(DG)(DC)(DG)(DT)
;
D
#
loop_
_chem_comp.id
_chem_comp.type
_chem_comp.name
_chem_comp.formula
CA non-polymer 'CALCIUM ION' 'Ca 2'
DA DNA linking 2'-DEOXYADENOSINE-5'-MONOPHOSPHATE 'C10 H14 N5 O6 P'
DC DNA linking 2'-DEOXYCYTIDINE-5'-MONOPHOSPHATE 'C9 H14 N3 O7 P'
DG DNA linking 2'-DEOXYGUANOSINE-5'-MONOPHOSPHATE 'C10 H14 N5 O7 P'
DT DNA linking THYMIDINE-5'-MONOPHOSPHATE 'C10 H15 N2 O8 P'
#
# COMPACT_ATOMS: atom_id res chain seq x y z
N ASN A 5 1.13 26.31 17.87
CA ASN A 5 1.50 25.15 17.01
C ASN A 5 2.72 25.43 16.14
N ILE A 6 3.13 24.44 15.36
CA ILE A 6 4.25 24.57 14.42
C ILE A 6 3.83 24.09 13.04
N LYS A 7 4.04 24.94 12.04
CA LYS A 7 3.69 24.63 10.65
C LYS A 7 4.71 23.64 10.06
N LYS A 8 4.24 22.85 9.09
CA LYS A 8 5.09 21.87 8.40
C LYS A 8 6.22 22.56 7.63
N ASN A 9 5.92 23.74 7.07
CA ASN A 9 6.86 24.50 6.25
C ASN A 9 8.13 24.94 6.98
N GLN A 10 8.03 25.06 8.31
CA GLN A 10 9.15 25.52 9.12
C GLN A 10 10.21 24.44 9.35
N VAL A 11 9.82 23.18 9.19
CA VAL A 11 10.73 22.07 9.43
C VAL A 11 10.87 21.19 8.19
N MET A 12 10.78 21.81 7.02
CA MET A 12 10.90 21.09 5.75
C MET A 12 12.30 21.23 5.17
N ASN A 13 13.23 21.76 5.97
CA ASN A 13 14.60 21.95 5.53
C ASN A 13 15.60 21.74 6.67
N LEU A 14 15.09 21.59 7.89
CA LEU A 14 15.94 21.39 9.05
C LEU A 14 16.48 19.96 9.12
N GLY A 15 17.58 19.78 9.85
CA GLY A 15 18.20 18.47 10.02
C GLY A 15 17.35 17.48 10.80
N PRO A 16 17.73 16.18 10.75
CA PRO A 16 16.96 15.09 11.38
C PRO A 16 16.76 15.24 12.89
N ASN A 17 17.78 15.73 13.59
CA ASN A 17 17.73 15.86 15.05
C ASN A 17 17.34 17.26 15.53
N SER A 18 16.66 18.01 14.66
CA SER A 18 16.23 19.38 14.95
C SER A 18 15.22 19.44 16.10
N LYS A 19 15.43 20.39 17.00
CA LYS A 19 14.55 20.61 18.16
C LYS A 19 13.13 20.95 17.71
N LEU A 20 13.02 21.81 16.70
CA LEU A 20 11.74 22.21 16.14
C LEU A 20 11.02 21.06 15.42
N LEU A 21 11.79 20.13 14.85
CA LEU A 21 11.23 18.96 14.19
C LEU A 21 10.54 18.04 15.20
N LYS A 22 11.24 17.76 16.32
CA LYS A 22 10.73 16.89 17.37
C LYS A 22 9.50 17.46 18.07
N GLU A 23 9.45 18.79 18.20
CA GLU A 23 8.30 19.47 18.78
C GLU A 23 7.09 19.44 17.84
N TYR A 24 7.36 19.47 16.52
CA TYR A 24 6.32 19.30 15.52
C TYR A 24 5.75 17.88 15.55
N LYS A 25 6.63 16.89 15.73
CA LYS A 25 6.22 15.49 15.79
C LYS A 25 5.39 15.18 17.03
N SER A 26 5.62 15.92 18.11
CA SER A 26 4.87 15.74 19.36
C SER A 26 3.44 16.29 19.25
N GLN A 27 3.23 17.22 18.31
CA GLN A 27 1.91 17.78 18.04
C GLN A 27 0.99 16.74 17.37
N LEU A 28 1.58 15.87 16.57
CA LEU A 28 0.87 14.78 15.92
C LEU A 28 0.79 13.58 16.87
N ILE A 29 -0.42 13.06 17.06
CA ILE A 29 -0.65 11.99 18.02
C ILE A 29 -0.91 10.65 17.33
N GLU A 30 -1.91 10.61 16.45
CA GLU A 30 -2.26 9.40 15.72
C GLU A 30 -2.54 9.66 14.24
N LEU A 31 -2.57 8.58 13.46
CA LEU A 31 -2.99 8.65 12.07
C LEU A 31 -4.50 8.85 12.01
N ASN A 32 -4.98 9.60 11.02
CA ASN A 32 -6.41 9.75 10.81
C ASN A 32 -7.01 8.50 10.15
N ILE A 33 -8.33 8.43 10.12
CA ILE A 33 -9.03 7.24 9.61
C ILE A 33 -8.67 6.88 8.17
N GLU A 34 -8.45 7.89 7.33
CA GLU A 34 -8.07 7.67 5.93
C GLU A 34 -6.64 7.13 5.79
N GLN A 35 -5.75 7.59 6.66
CA GLN A 35 -4.35 7.18 6.64
C GLN A 35 -4.15 5.75 7.13
N PHE A 36 -4.96 5.34 8.10
CA PHE A 36 -4.87 3.99 8.65
C PHE A 36 -5.45 2.95 7.70
N GLU A 37 -6.67 3.22 7.21
CA GLU A 37 -7.36 2.31 6.29
C GLU A 37 -6.58 2.07 5.00
N ALA A 38 -6.03 3.15 4.43
CA ALA A 38 -5.19 3.06 3.23
C ALA A 38 -3.87 2.36 3.52
N GLY A 39 -3.30 2.62 4.70
CA GLY A 39 -2.06 1.99 5.14
C GLY A 39 -2.13 0.47 5.08
N ILE A 40 -3.27 -0.07 5.50
CA ILE A 40 -3.53 -1.51 5.44
C ILE A 40 -3.31 -2.05 4.02
N GLY A 41 -3.92 -1.39 3.04
CA GLY A 41 -3.76 -1.77 1.64
C GLY A 41 -2.36 -1.54 1.12
N LEU A 42 -1.72 -0.47 1.56
CA LEU A 42 -0.37 -0.12 1.13
C LEU A 42 0.68 -1.12 1.62
N ILE A 43 0.53 -1.57 2.86
CA ILE A 43 1.44 -2.53 3.46
C ILE A 43 1.21 -3.94 2.90
N LEU A 44 -0.04 -4.24 2.57
CA LEU A 44 -0.37 -5.45 1.82
C LEU A 44 0.15 -5.36 0.38
N GLY A 45 0.24 -4.13 -0.13
CA GLY A 45 0.59 -3.88 -1.51
C GLY A 45 2.06 -3.61 -1.80
N ASP A 46 2.42 -2.33 -1.88
CA ASP A 46 3.76 -1.92 -2.31
C ASP A 46 4.59 -1.18 -1.26
N ALA A 47 3.96 -0.69 -0.20
CA ALA A 47 4.67 0.09 0.82
C ALA A 47 5.56 -0.79 1.71
N TYR A 48 6.43 -0.15 2.47
CA TYR A 48 7.35 -0.83 3.37
C TYR A 48 7.37 -0.13 4.72
N ILE A 49 6.94 -0.83 5.76
CA ILE A 49 6.90 -0.28 7.11
C ILE A 49 8.03 -0.86 7.98
N ARG A 50 8.86 0.02 8.55
CA ARG A 50 10.10 -0.39 9.20
C ARG A 50 10.39 0.30 10.53
N SER A 51 10.96 -0.46 11.46
CA SER A 51 11.49 0.08 12.71
C SER A 51 12.99 -0.10 12.74
N ARG A 52 13.68 0.90 13.29
CA ARG A 52 15.13 0.87 13.45
C ARG A 52 15.48 0.87 14.93
N ASP A 53 14.51 1.25 15.76
CA ASP A 53 14.68 1.31 17.21
C ASP A 53 14.06 0.10 17.92
N GLU A 54 13.90 -1.00 17.19
CA GLU A 54 13.34 -2.27 17.69
C GLU A 54 11.91 -2.17 18.22
N GLY A 55 11.06 -1.37 17.55
CA GLY A 55 9.64 -1.35 17.85
C GLY A 55 9.06 -0.10 18.51
N LYS A 56 9.93 0.78 18.99
CA LYS A 56 9.50 2.04 19.61
C LYS A 56 8.76 2.95 18.62
N THR A 57 9.34 3.12 17.43
CA THR A 57 8.71 3.90 16.37
C THR A 57 8.82 3.19 15.02
N TYR A 58 7.91 3.52 14.10
CA TYR A 58 7.94 2.98 12.74
C TYR A 58 7.80 4.10 11.71
N CYS A 59 8.31 3.85 10.51
CA CYS A 59 8.09 4.74 9.37
C CYS A 59 7.76 3.91 8.13
N MET A 60 7.11 4.56 7.17
CA MET A 60 6.80 3.91 5.90
C MET A 60 7.71 4.43 4.79
N GLN A 61 8.26 3.51 4.01
CA GLN A 61 9.03 3.83 2.83
C GLN A 61 8.22 3.54 1.58
N PHE A 62 8.28 4.45 0.62
CA PHE A 62 7.55 4.31 -0.64
C PHE A 62 8.49 4.36 -1.83
N GLU A 63 8.19 3.57 -2.84
CA GLU A 63 8.85 3.65 -4.15
C GLU A 63 7.90 3.16 -5.24
N TRP A 64 7.71 3.99 -6.27
CA TRP A 64 6.83 3.67 -7.40
C TRP A 64 7.38 4.26 -8.70
N LYS A 65 6.98 3.66 -9.82
CA LYS A 65 7.28 4.19 -11.15
C LYS A 65 6.39 5.40 -11.44
N ASN A 66 5.10 5.24 -11.15
CA ASN A 66 4.10 6.28 -11.38
C ASN A 66 4.28 7.47 -10.44
N LYS A 67 4.68 8.60 -11.01
CA LYS A 67 4.90 9.82 -10.23
C LYS A 67 3.60 10.32 -9.59
N ALA A 68 2.51 10.21 -10.35
CA ALA A 68 1.21 10.73 -9.91
C ALA A 68 0.64 9.96 -8.72
N TYR A 69 0.81 8.64 -8.72
CA TYR A 69 0.38 7.81 -7.60
C TYR A 69 1.21 8.11 -6.36
N MET A 70 2.51 8.31 -6.55
CA MET A 70 3.42 8.71 -5.48
C MET A 70 2.99 10.05 -4.88
N ASP A 71 2.60 10.99 -5.75
CA ASP A 71 2.09 12.30 -5.34
C ASP A 71 0.82 12.16 -4.48
N HIS A 72 -0.10 11.29 -4.92
CA HIS A 72 -1.36 11.06 -4.24
C HIS A 72 -1.16 10.51 -2.82
N VAL A 73 -0.29 9.52 -2.67
CA VAL A 73 0.02 8.90 -1.38
C VAL A 73 0.70 9.90 -0.43
N CYS A 74 1.63 10.69 -0.98
CA CYS A 74 2.30 11.75 -0.23
C CYS A 74 1.34 12.80 0.31
N LEU A 75 0.30 13.11 -0.46
CA LEU A 75 -0.71 14.09 -0.06
C LEU A 75 -1.62 13.51 1.03
N LEU A 76 -1.86 12.21 0.97
CA LEU A 76 -2.68 11.54 1.97
C LEU A 76 -2.16 11.85 3.37
N TYR A 77 -1.02 11.29 3.72
CA TYR A 77 -0.38 11.55 5.00
C TYR A 77 0.54 12.76 4.89
N ASP A 78 0.00 13.84 4.34
CA ASP A 78 0.78 15.06 4.11
C ASP A 78 1.59 15.49 5.34
N GLN A 79 0.97 15.45 6.50
CA GLN A 79 1.63 15.91 7.73
C GLN A 79 2.75 14.98 8.20
N TRP A 80 2.78 13.76 7.67
CA TRP A 80 3.79 12.76 8.06
C TRP A 80 4.99 12.75 7.10
N VAL A 81 4.86 13.44 5.98
CA VAL A 81 5.90 13.43 4.95
C VAL A 81 6.49 14.84 4.76
N LEU A 82 7.78 14.96 5.05
CA LEU A 82 8.49 16.25 5.01
C LEU A 82 8.82 16.73 3.59
N SER A 83 9.37 15.82 2.77
CA SER A 83 9.86 16.18 1.44
C SER A 83 8.94 15.76 0.30
N PRO A 84 9.04 16.45 -0.86
CA PRO A 84 8.40 15.98 -2.09
C PRO A 84 9.08 14.71 -2.60
N PRO A 85 8.39 13.94 -3.46
CA PRO A 85 8.94 12.71 -4.04
C PRO A 85 10.30 12.93 -4.71
N HIS A 86 11.22 12.02 -4.52
CA HIS A 86 12.54 12.17 -5.08
C HIS A 86 12.73 11.19 -6.19
N LYS A 87 13.54 11.57 -7.16
CA LYS A 87 13.68 10.80 -8.37
C LYS A 87 15.02 10.16 -8.39
N ARG A 88 15.09 8.98 -8.97
CA ARG A 88 16.24 8.16 -8.82
C ARG A 88 17.05 7.88 -10.07
N GLU A 89 16.49 7.15 -11.02
CA GLU A 89 17.25 6.83 -12.21
C GLU A 89 18.51 6.01 -11.85
N ARG A 90 18.41 4.72 -12.10
CA ARG A 90 19.44 3.72 -11.84
C ARG A 90 19.78 2.92 -13.09
N VAL A 91 21.00 2.40 -13.14
CA VAL A 91 21.44 1.53 -14.23
C VAL A 91 21.45 0.08 -13.74
N ASN A 92 20.71 -0.79 -14.44
CA ASN A 92 20.67 -2.22 -14.08
C ASN A 92 21.78 -3.02 -14.77
N HIS A 93 21.73 -4.35 -14.63
CA HIS A 93 22.81 -5.23 -15.13
C HIS A 93 22.89 -5.33 -16.65
N LEU A 94 21.77 -5.06 -17.32
CA LEU A 94 21.74 -5.01 -18.80
C LEU A 94 22.34 -3.71 -19.32
N GLY A 95 22.43 -2.71 -18.46
CA GLY A 95 22.94 -1.39 -18.84
C GLY A 95 21.84 -0.42 -19.20
N ASN A 96 20.64 -0.65 -18.65
CA ASN A 96 19.47 0.17 -18.94
C ASN A 96 19.14 1.12 -17.80
N LEU A 97 18.73 2.34 -18.15
CA LEU A 97 18.32 3.33 -17.19
C LEU A 97 16.89 3.09 -16.73
N VAL A 98 16.68 3.03 -15.42
CA VAL A 98 15.37 2.78 -14.84
C VAL A 98 14.94 3.97 -13.97
N ILE A 99 13.82 4.57 -14.33
CA ILE A 99 13.30 5.76 -13.65
C ILE A 99 12.23 5.38 -12.63
N THR A 100 12.41 5.86 -11.40
CA THR A 100 11.51 5.52 -10.30
C THR A 100 11.42 6.69 -9.29
N TRP A 101 10.29 6.78 -8.60
CA TRP A 101 10.08 7.84 -7.60
C TRP A 101 10.05 7.28 -6.19
N THR A 102 10.70 8.00 -5.27
CA THR A 102 10.82 7.55 -3.87
C THR A 102 10.40 8.63 -2.87
N ALA A 103 9.88 8.19 -1.72
CA ALA A 103 9.47 9.06 -0.62
C ALA A 103 9.32 8.25 0.66
N GLN A 104 9.35 8.93 1.80
CA GLN A 104 9.21 8.27 3.10
C GLN A 104 8.65 9.20 4.17
N THR A 105 7.94 8.61 5.14
CA THR A 105 7.49 9.37 6.30
C THR A 105 8.64 9.43 7.28
N PHE A 106 8.56 10.36 8.24
CA PHE A 106 9.46 10.30 9.39
C PHE A 106 8.94 9.22 10.33
N LYS A 107 9.79 8.75 11.24
CA LYS A 107 9.37 7.74 12.20
C LYS A 107 8.51 8.38 13.29
N HIS A 108 7.48 7.65 13.71
CA HIS A 108 6.53 8.13 14.70
C HIS A 108 5.73 6.94 15.25
N GLN A 109 5.43 7.00 16.54
CA GLN A 109 4.69 5.94 17.25
C GLN A 109 3.30 5.68 16.65
N ALA A 110 2.76 6.68 15.96
CA ALA A 110 1.45 6.56 15.31
C ALA A 110 1.43 5.44 14.26
N PHE A 111 2.60 5.16 13.69
CA PHE A 111 2.74 4.08 12.71
C PHE A 111 2.77 2.69 13.32
N ASN A 112 3.07 2.61 14.63
CA ASN A 112 3.02 1.35 15.36
C ASN A 112 1.64 0.69 15.25
N LYS A 113 0.60 1.53 15.18
CA LYS A 113 -0.78 1.10 14.99
C LYS A 113 -0.94 0.20 13.76
N LEU A 114 -0.26 0.56 12.66
CA LEU A 114 -0.27 -0.23 11.44
C LEU A 114 0.66 -1.44 11.52
N ALA A 115 1.90 -1.19 11.92
CA ALA A 115 2.96 -2.21 11.93
C ALA A 115 2.68 -3.39 12.88
N ASN A 116 1.99 -3.13 13.99
CA ASN A 116 1.66 -4.16 14.97
C ASN A 116 0.67 -5.21 14.44
N LEU A 117 0.10 -4.93 13.28
CA LEU A 117 -0.83 -5.85 12.62
C LEU A 117 -0.11 -6.77 11.63
N PHE A 118 1.12 -6.42 11.26
CA PHE A 118 1.87 -7.20 10.29
C PHE A 118 3.22 -7.69 10.80
N ILE A 119 4.08 -6.74 11.18
CA ILE A 119 5.45 -7.05 11.58
C ILE A 119 5.50 -7.65 12.97
N VAL A 120 5.84 -8.94 13.05
CA VAL A 120 6.08 -9.64 14.30
C VAL A 120 7.48 -10.26 14.26
N ASN A 121 8.40 -9.67 15.03
CA ASN A 121 9.82 -10.07 15.05
C ASN A 121 10.52 -9.96 13.69
N ASN A 122 10.65 -8.72 13.22
CA ASN A 122 11.36 -8.42 11.96
C ASN A 122 10.59 -8.78 10.70
N LYS A 123 10.22 -10.05 10.59
CA LYS A 123 9.60 -10.61 9.39
C LYS A 123 8.09 -10.33 9.34
N LYS A 124 7.62 -9.92 8.17
CA LYS A 124 6.22 -9.59 7.94
C LYS A 124 5.36 -10.85 7.81
N THR A 125 4.24 -10.86 8.54
CA THR A 125 3.26 -11.96 8.46
C THR A 125 1.86 -11.38 8.28
N ILE A 126 0.87 -12.27 8.08
CA ILE A 126 -0.53 -11.86 7.94
C ILE A 126 -1.39 -12.59 8.99
N PRO A 127 -2.11 -11.82 9.83
CA PRO A 127 -2.97 -12.39 10.87
C PRO A 127 -4.19 -13.12 10.32
N ASN A 128 -4.69 -14.08 11.09
CA ASN A 128 -5.79 -14.97 10.71
C ASN A 128 -7.01 -14.26 10.10
N ASN A 129 -7.51 -13.24 10.80
CA ASN A 129 -8.68 -12.50 10.35
C ASN A 129 -8.39 -11.03 10.12
N LEU A 130 -7.44 -10.76 9.23
CA LEU A 130 -7.05 -9.38 8.88
C LEU A 130 -8.10 -8.67 8.04
N VAL A 131 -8.54 -9.34 6.97
CA VAL A 131 -9.52 -8.77 6.03
C VAL A 131 -10.87 -8.52 6.70
N GLU A 132 -11.31 -9.47 7.51
CA GLU A 132 -12.61 -9.41 8.17
C GLU A 132 -12.72 -8.24 9.15
N ASN A 133 -11.63 -7.94 9.84
CA ASN A 133 -11.64 -6.96 10.93
C ASN A 133 -11.13 -5.55 10.57
N TYR A 134 -10.19 -5.48 9.64
CA TYR A 134 -9.50 -4.22 9.37
C TYR A 134 -9.62 -3.69 7.93
N LEU A 135 -9.77 -4.59 6.96
CA LEU A 135 -9.84 -4.18 5.55
C LEU A 135 -11.16 -3.50 5.22
N THR A 136 -11.06 -2.29 4.68
CA THR A 136 -12.22 -1.50 4.26
C THR A 136 -12.21 -1.33 2.73
N PRO A 137 -13.30 -0.79 2.15
CA PRO A 137 -13.30 -0.48 0.72
C PRO A 137 -12.10 0.38 0.29
N MET A 138 -11.69 1.30 1.16
CA MET A 138 -10.51 2.15 0.90
C MET A 138 -9.22 1.32 0.95
N SER A 139 -9.17 0.34 1.85
CA SER A 139 -8.01 -0.54 1.98
C SER A 139 -7.86 -1.40 0.73
N LEU A 140 -8.98 -1.88 0.20
CA LEU A 140 -9.01 -2.70 -1.00
C LEU A 140 -8.60 -1.89 -2.23
N ALA A 141 -8.92 -0.60 -2.22
CA ALA A 141 -8.61 0.31 -3.33
C ALA A 141 -7.11 0.57 -3.47
N TYR A 142 -6.44 0.87 -2.36
CA TYR A 142 -5.00 1.11 -2.36
C TYR A 142 -4.21 -0.17 -2.61
N TRP A 143 -4.74 -1.28 -2.10
CA TRP A 143 -4.15 -2.61 -2.33
C TRP A 143 -4.24 -2.98 -3.82
N PHE A 144 -5.37 -2.64 -4.45
CA PHE A 144 -5.52 -2.86 -5.88
C PHE A 144 -4.58 -1.97 -6.70
N MET A 145 -4.46 -0.69 -6.31
CA MET A 145 -3.57 0.23 -7.00
C MET A 145 -2.10 -0.18 -6.85
N ASP A 146 -1.81 -0.99 -5.83
CA ASP A 146 -0.47 -1.53 -5.61
C ASP A 146 -0.26 -2.85 -6.34
N ASP A 147 -1.08 -3.85 -6.02
CA ASP A 147 -0.89 -5.22 -6.51
C ASP A 147 -1.87 -5.63 -7.62
N GLY A 148 -2.84 -4.78 -7.90
CA GLY A 148 -3.90 -5.09 -8.85
C GLY A 148 -3.46 -5.12 -10.30
N GLY A 149 -4.23 -5.85 -11.11
CA GLY A 149 -3.97 -5.96 -12.53
C GLY A 149 -5.04 -6.80 -13.20
N LYS A 150 -4.86 -7.03 -14.50
CA LYS A 150 -5.79 -7.83 -15.28
C LYS A 150 -5.40 -9.31 -15.24
N TRP A 151 -6.34 -10.17 -15.61
CA TRP A 151 -6.05 -11.57 -15.88
C TRP A 151 -5.75 -11.75 -17.36
N ASP A 152 -6.47 -10.99 -18.19
CA ASP A 152 -6.35 -11.07 -19.64
C ASP A 152 -5.88 -9.75 -20.24
N TYR A 153 -4.61 -9.73 -20.66
CA TYR A 153 -4.01 -8.53 -21.24
C TYR A 153 -4.07 -8.50 -22.77
N ASN A 154 -4.66 -9.54 -23.36
CA ASN A 154 -4.89 -9.59 -24.80
C ASN A 154 -5.84 -8.47 -25.23
N LYS A 155 -5.41 -7.68 -26.22
CA LYS A 155 -6.21 -6.57 -26.72
C LYS A 155 -7.57 -7.06 -27.21
N ASN A 156 -8.63 -6.39 -26.76
CA ASN A 156 -9.99 -6.82 -27.05
C ASN A 156 -10.35 -8.12 -26.33
N SER A 157 -10.88 -7.99 -25.11
CA SER A 157 -11.23 -9.16 -24.31
C SER A 157 -12.52 -8.92 -23.54
N THR A 158 -13.41 -9.92 -23.57
CA THR A 158 -14.67 -9.85 -22.82
C THR A 158 -14.45 -10.14 -21.34
N ASN A 159 -13.36 -10.85 -21.04
CA ASN A 159 -12.98 -11.21 -19.67
C ASN A 159 -12.61 -9.99 -18.82
N LYS A 160 -13.42 -9.72 -17.80
CA LYS A 160 -13.21 -8.57 -16.93
C LYS A 160 -12.63 -9.01 -15.58
N SER A 161 -11.82 -10.06 -15.60
CA SER A 161 -11.26 -10.64 -14.38
C SER A 161 -10.09 -9.83 -13.80
N ILE A 162 -10.13 -9.66 -12.48
CA ILE A 162 -9.11 -8.91 -11.74
C ILE A 162 -8.09 -9.87 -11.11
N VAL A 163 -6.85 -9.42 -11.00
CA VAL A 163 -5.79 -10.19 -10.35
C VAL A 163 -5.04 -9.31 -9.33
N LEU A 164 -4.80 -9.87 -8.15
CA LEU A 164 -3.98 -9.22 -7.12
C LEU A 164 -2.69 -9.99 -6.95
N ASN A 165 -1.57 -9.36 -7.34
CA ASN A 165 -0.26 -10.01 -7.30
C ASN A 165 0.31 -10.13 -5.88
N THR A 166 0.09 -11.30 -5.27
CA THR A 166 0.49 -11.55 -3.89
C THR A 166 1.61 -12.60 -3.79
N GLN A 167 2.51 -12.60 -4.77
CA GLN A 167 3.58 -13.60 -4.88
C GLN A 167 4.55 -13.66 -3.68
N SER A 168 4.56 -12.61 -2.87
CA SER A 168 5.46 -12.54 -1.73
C SER A 168 4.98 -13.33 -0.51
N PHE A 169 3.67 -13.46 -0.37
CA PHE A 169 3.08 -14.15 0.79
C PHE A 169 3.08 -15.66 0.59
N THR A 170 2.94 -16.41 1.68
CA THR A 170 2.81 -17.85 1.61
C THR A 170 1.43 -18.22 1.07
N PHE A 171 1.27 -19.45 0.60
CA PHE A 171 -0.01 -19.94 0.12
C PHE A 171 -1.08 -19.95 1.21
N GLU A 172 -0.65 -20.20 2.45
CA GLU A 172 -1.55 -20.19 3.60
C GLU A 172 -2.09 -18.79 3.88
N GLU A 173 -1.19 -17.81 3.90
CA GLU A 173 -1.56 -16.41 4.16
C GLU A 173 -2.55 -15.89 3.14
N VAL A 174 -2.30 -16.20 1.87
CA VAL A 174 -3.18 -15.81 0.77
C VAL A 174 -4.54 -16.51 0.86
N GLU A 175 -4.51 -17.79 1.26
CA GLU A 175 -5.73 -18.57 1.42
C GLU A 175 -6.65 -17.91 2.45
N TYR A 176 -6.06 -17.42 3.53
CA TYR A 176 -6.79 -16.72 4.59
C TYR A 176 -7.33 -15.37 4.12
N LEU A 177 -6.58 -14.71 3.22
CA LEU A 177 -7.01 -13.45 2.63
C LEU A 177 -8.20 -13.65 1.70
N VAL A 178 -8.20 -14.76 0.97
CA VAL A 178 -9.31 -15.12 0.08
C VAL A 178 -10.58 -15.39 0.88
N LYS A 179 -10.43 -16.03 2.04
CA LYS A 179 -11.54 -16.29 2.95
C LYS A 179 -12.24 -14.99 3.36
N GLY A 180 -11.45 -13.97 3.65
CA GLY A 180 -11.97 -12.65 4.03
C GLY A 180 -12.65 -11.92 2.88
N LEU A 181 -12.02 -11.97 1.71
CA LEU A 181 -12.54 -11.33 0.50
C LEU A 181 -13.89 -11.92 0.06
N ARG A 182 -14.03 -13.24 0.22
CA ARG A 182 -15.27 -13.94 -0.12
C ARG A 182 -16.40 -13.59 0.83
N ASN A 183 -16.08 -13.47 2.12
CA ASN A 183 -17.09 -13.28 3.17
C ASN A 183 -17.52 -11.83 3.41
N LYS A 184 -16.55 -10.92 3.49
CA LYS A 184 -16.84 -9.53 3.83
C LYS A 184 -17.38 -8.72 2.65
N PHE A 185 -16.89 -9.02 1.45
CA PHE A 185 -17.25 -8.23 0.26
C PHE A 185 -17.99 -9.04 -0.82
N GLN A 186 -18.35 -10.28 -0.50
CA GLN A 186 -19.12 -11.16 -1.40
C GLN A 186 -18.46 -11.37 -2.77
N LEU A 187 -17.14 -11.53 -2.76
CA LEU A 187 -16.35 -11.67 -3.98
C LEU A 187 -16.09 -13.12 -4.36
N ASN A 188 -16.32 -13.45 -5.62
CA ASN A 188 -15.99 -14.77 -6.15
C ASN A 188 -14.51 -14.83 -6.54
N CYS A 189 -13.68 -15.20 -5.57
CA CYS A 189 -12.24 -15.24 -5.78
C CYS A 189 -11.60 -16.49 -5.19
N TYR A 190 -10.43 -16.85 -5.71
CA TYR A 190 -9.64 -17.96 -5.20
C TYR A 190 -8.15 -17.83 -5.55
N VAL A 191 -7.32 -18.65 -4.91
CA VAL A 191 -5.88 -18.62 -5.11
C VAL A 191 -5.49 -19.31 -6.43
N LYS A 192 -4.63 -18.65 -7.21
CA LYS A 192 -4.04 -19.25 -8.40
C LYS A 192 -2.52 -19.20 -8.36
N ILE A 193 -1.88 -20.00 -9.22
CA ILE A 193 -0.42 -20.12 -9.22
C ILE A 193 0.23 -19.29 -10.34
N ASN A 194 1.31 -18.60 -9.99
CA ASN A 194 2.15 -17.90 -10.95
C ASN A 194 3.60 -17.91 -10.46
N LYS A 195 4.47 -18.56 -11.24
CA LYS A 195 5.88 -18.74 -10.88
C LYS A 195 6.03 -19.50 -9.56
N ASN A 196 5.24 -20.55 -9.40
CA ASN A 196 5.16 -21.35 -8.15
C ASN A 196 4.73 -20.54 -6.92
N LYS A 197 4.06 -19.41 -7.16
CA LYS A 197 3.70 -18.50 -6.07
C LYS A 197 2.24 -18.05 -6.18
N PRO A 198 1.63 -17.68 -5.03
CA PRO A 198 0.19 -17.42 -5.01
C PRO A 198 -0.21 -16.04 -5.51
N ILE A 199 -1.33 -15.99 -6.22
CA ILE A 199 -1.98 -14.73 -6.59
C ILE A 199 -3.47 -14.84 -6.30
N ILE A 200 -4.14 -13.71 -6.12
CA ILE A 200 -5.60 -13.70 -5.92
C ILE A 200 -6.32 -13.39 -7.23
N TYR A 201 -7.02 -14.40 -7.75
CA TYR A 201 -7.80 -14.26 -8.98
C TYR A 201 -9.24 -13.90 -8.63
N ILE A 202 -9.70 -12.76 -9.13
CA ILE A 202 -11.10 -12.34 -8.96
C ILE A 202 -11.84 -12.53 -10.28
N ASP A 203 -12.93 -13.30 -10.23
CA ASP A 203 -13.70 -13.63 -11.42
C ASP A 203 -14.42 -12.39 -12.00
N SER A 204 -14.71 -12.45 -13.30
CA SER A 204 -15.42 -11.36 -13.99
C SER A 204 -16.85 -11.17 -13.50
N MET A 205 -17.38 -12.16 -12.79
CA MET A 205 -18.71 -12.08 -12.19
C MET A 205 -18.76 -11.03 -11.08
N SER A 206 -17.70 -10.98 -10.27
CA SER A 206 -17.62 -10.07 -9.13
C SER A 206 -17.02 -8.71 -9.49
N TYR A 207 -16.76 -8.48 -10.78
CA TYR A 207 -16.14 -7.25 -11.26
C TYR A 207 -16.92 -5.98 -10.88
N LEU A 208 -18.24 -6.03 -11.04
CA LEU A 208 -19.10 -4.90 -10.70
C LEU A 208 -19.10 -4.60 -9.20
N ILE A 209 -19.12 -5.67 -8.40
CA ILE A 209 -19.14 -5.53 -6.94
C ILE A 209 -17.76 -5.07 -6.42
N PHE A 210 -16.71 -5.47 -7.12
CA PHE A 210 -15.34 -5.07 -6.79
C PHE A 210 -15.07 -3.62 -7.17
N TYR A 211 -15.60 -3.20 -8.32
CA TYR A 211 -15.41 -1.86 -8.87
C TYR A 211 -16.15 -0.79 -8.06
N ASN A 212 -17.37 -1.12 -7.63
CA ASN A 212 -18.20 -0.20 -6.84
C ASN A 212 -17.59 0.13 -5.48
N LEU A 213 -16.83 -0.80 -4.92
CA LEU A 213 -16.17 -0.61 -3.63
C LEU A 213 -14.93 0.26 -3.73
N ILE A 214 -14.22 0.16 -4.85
CA ILE A 214 -12.94 0.87 -5.02
C ILE A 214 -13.06 2.18 -5.82
N LYS A 215 -14.26 2.41 -6.39
CA LYS A 215 -14.55 3.64 -7.15
C LYS A 215 -14.23 4.96 -6.42
N PRO A 216 -14.71 5.11 -5.19
CA PRO A 216 -14.55 6.35 -4.42
C PRO A 216 -13.14 6.56 -3.88
N TYR A 217 -12.15 5.91 -4.48
CA TYR A 217 -10.75 6.08 -4.08
C TYR A 217 -9.75 5.98 -5.23
N LEU A 218 -10.21 5.55 -6.40
CA LEU A 218 -9.35 5.39 -7.58
C LEU A 218 -8.92 6.73 -8.19
N ILE A 219 -7.67 6.77 -8.63
CA ILE A 219 -7.14 7.93 -9.36
C ILE A 219 -7.02 7.62 -10.87
N PRO A 220 -7.30 8.62 -11.73
CA PRO A 220 -7.36 8.44 -13.19
C PRO A 220 -6.14 7.75 -13.80
N GLN A 221 -4.95 8.06 -13.29
CA GLN A 221 -3.70 7.47 -13.81
C GLN A 221 -3.50 6.02 -13.39
N MET A 222 -4.49 5.45 -12.70
CA MET A 222 -4.45 4.06 -12.28
C MET A 222 -5.65 3.29 -12.86
N MET A 223 -6.38 3.94 -13.75
CA MET A 223 -7.56 3.36 -14.39
C MET A 223 -7.18 2.35 -15.48
N TYR A 224 -5.92 2.39 -15.91
CA TYR A 224 -5.41 1.48 -16.93
C TYR A 224 -5.37 0.03 -16.43
N LYS A 225 -5.30 -0.14 -15.11
CA LYS A 225 -5.24 -1.45 -14.48
C LYS A 225 -6.55 -2.22 -14.54
N LEU A 226 -7.65 -1.51 -14.80
CA LEU A 226 -8.97 -2.10 -14.94
C LEU A 226 -9.22 -2.60 -16.37
N PRO A 227 -9.88 -3.76 -16.52
CA PRO A 227 -10.21 -4.34 -17.83
C PRO A 227 -11.14 -3.46 -18.65
CA CA D . 2.55 -1.93 -8.16
CA CA E . 3.11 -5.36 -4.06
CA CA F . 8.89 -7.55 -4.78
#